data_2IYE
#
_entry.id   2IYE
#
_cell.length_a   71.530
_cell.length_b   53.800
_cell.length_c   73.960
_cell.angle_alpha   90.00
_cell.angle_beta   97.08
_cell.angle_gamma   90.00
#
_symmetry.space_group_name_H-M   'P 1 21 1'
#
loop_
_entity.id
_entity.type
_entity.pdbx_description
1 polymer 'COPPER-TRANSPORTING ATPASE'
2 non-polymer 'SULFATE ION'
3 water water
#
_entity_poly.entity_id   1
_entity_poly.type   'polypeptide(L)'
_entity_poly.pdbx_seq_one_letter_code
;MALSLYEKMLHKGMIIKNSNVYEKIKEIDTIIFDKTGTLTYGTPIVTQFIGDSLSLAYAASVEALSSHPIAKAIVKYAKE
QGVKILEVKDFKEISGIGVRGKISDKIIEVKKAENNNDIAVYINGEPIASFNISDVPRPNLKDYLEKLKNEGLKIIILSG
DKEDKVKELSKELNIQEYYSNLSPEDKVRIIEKLKQNGNKVLMIGDGVNDAAALALADVSVAMGNGVDISKNVADIILVS
NDIGTLLGLIKNRKRLSNAIPSN
;
_entity_poly.pdbx_strand_id   A,C
#
loop_
_chem_comp.id
_chem_comp.type
_chem_comp.name
_chem_comp.formula
SO4 non-polymer 'SULFATE ION' 'O4 S -2'
#
# COMPACT_ATOMS: atom_id res chain seq x y z
N ALA A 2 32.90 9.24 -26.15
CA ALA A 2 32.62 7.81 -26.28
C ALA A 2 31.12 7.53 -26.13
N LEU A 3 30.74 6.89 -25.04
CA LEU A 3 29.35 6.84 -24.61
C LEU A 3 29.10 7.77 -23.43
N SER A 4 27.89 8.33 -23.36
CA SER A 4 27.39 8.91 -22.13
C SER A 4 27.38 7.88 -21.00
N LEU A 5 28.10 8.19 -19.92
CA LEU A 5 27.87 7.53 -18.64
C LEU A 5 26.59 6.71 -18.66
N TYR A 6 25.47 7.36 -18.99
CA TYR A 6 24.16 6.72 -18.93
C TYR A 6 24.11 5.49 -19.83
N GLU A 7 24.83 5.55 -20.95
CA GLU A 7 24.84 4.47 -21.92
C GLU A 7 25.75 3.33 -21.47
N LYS A 8 26.85 3.68 -20.82
CA LYS A 8 27.73 2.69 -20.21
C LYS A 8 26.97 1.81 -19.23
N MET A 9 26.26 2.45 -18.29
CA MET A 9 25.56 1.72 -17.24
C MET A 9 24.50 0.72 -17.76
N LEU A 10 23.71 1.17 -18.73
CA LEU A 10 22.70 0.34 -19.32
C LEU A 10 23.39 -0.88 -19.91
N HIS A 11 24.67 -0.72 -20.29
CA HIS A 11 25.41 -1.80 -20.96
C HIS A 11 25.86 -2.86 -19.97
N LYS A 12 25.83 -2.50 -18.70
CA LYS A 12 26.19 -3.36 -17.60
C LYS A 12 24.94 -3.87 -16.86
N GLY A 13 23.76 -3.44 -17.29
CA GLY A 13 22.57 -3.98 -16.72
C GLY A 13 21.95 -3.16 -15.61
N MET A 14 22.26 -1.86 -15.57
CA MET A 14 21.57 -1.02 -14.60
C MET A 14 21.05 0.25 -15.23
N ILE A 15 19.85 0.68 -14.83
CA ILE A 15 19.25 1.94 -15.27
C ILE A 15 19.42 2.99 -14.18
N ILE A 16 20.05 4.13 -14.50
CA ILE A 16 20.27 5.25 -13.55
C ILE A 16 19.28 6.42 -13.68
N LYS A 17 18.86 6.98 -12.54
CA LYS A 17 17.83 8.00 -12.50
C LYS A 17 18.44 9.33 -12.93
N ASN A 18 19.06 10.05 -11.98
CA ASN A 18 19.33 11.46 -12.15
C ASN A 18 20.76 11.79 -11.79
N SER A 19 21.65 10.80 -11.84
CA SER A 19 23.11 11.08 -11.68
C SER A 19 23.56 11.75 -10.33
N ASN A 20 22.60 12.20 -9.53
CA ASN A 20 22.89 12.53 -8.15
C ASN A 20 23.27 11.28 -7.37
N VAL A 21 22.90 10.11 -7.89
CA VAL A 21 23.21 8.84 -7.21
C VAL A 21 24.70 8.52 -7.28
N TYR A 22 25.35 8.94 -8.34
CA TYR A 22 26.78 8.62 -8.54
C TYR A 22 27.62 9.19 -7.43
N GLU A 23 27.19 10.32 -6.85
CA GLU A 23 27.94 10.87 -5.75
C GLU A 23 27.36 10.50 -4.38
N LYS A 24 26.24 9.80 -4.39
CA LYS A 24 25.53 9.58 -3.18
C LYS A 24 25.83 8.19 -2.65
N ILE A 25 26.26 7.31 -3.56
CA ILE A 25 26.69 5.99 -3.17
C ILE A 25 27.99 6.08 -2.34
N LYS A 26 28.90 6.93 -2.83
CA LYS A 26 30.29 7.04 -2.31
C LYS A 26 30.30 6.94 -0.80
N GLU A 27 29.28 7.51 -0.19
CA GLU A 27 29.24 7.66 1.23
C GLU A 27 28.39 6.68 2.05
N ILE A 28 27.79 5.65 1.45
CA ILE A 28 26.91 4.82 2.25
C ILE A 28 27.72 3.90 3.16
N ASP A 29 27.22 3.61 4.35
CA ASP A 29 27.84 2.63 5.21
C ASP A 29 26.97 1.40 5.55
N THR A 30 25.70 1.38 5.13
CA THR A 30 24.75 0.34 5.54
C THR A 30 23.98 -0.17 4.34
N ILE A 31 24.00 -1.49 4.12
CA ILE A 31 23.35 -2.14 2.99
C ILE A 31 22.27 -3.05 3.50
N ILE A 32 21.03 -2.82 3.00
CA ILE A 32 19.84 -3.53 3.48
C ILE A 32 19.21 -4.35 2.39
N PHE A 33 18.91 -5.59 2.71
CA PHE A 33 18.22 -6.48 1.78
C PHE A 33 16.78 -6.82 2.21
N ASP A 34 15.79 -6.45 1.40
CA ASP A 34 14.41 -6.92 1.57
C ASP A 34 14.38 -8.33 0.90
N LYS A 35 14.46 -9.37 1.74
CA LYS A 35 14.66 -10.74 1.32
C LYS A 35 13.89 -11.23 0.02
N THR A 36 12.56 -11.03 -0.06
CA THR A 36 11.80 -11.53 -1.22
C THR A 36 12.09 -10.91 -2.61
N GLY A 37 12.58 -11.71 -3.56
CA GLY A 37 12.92 -11.22 -4.91
C GLY A 37 14.37 -10.76 -5.01
N THR A 38 15.09 -10.64 -3.88
CA THR A 38 16.50 -10.16 -3.94
C THR A 38 17.49 -11.26 -3.59
N LEU A 39 17.50 -11.71 -2.32
CA LEU A 39 18.15 -12.97 -1.93
C LEU A 39 17.44 -14.24 -2.37
N THR A 40 16.21 -14.12 -2.90
CA THR A 40 15.46 -15.27 -3.40
C THR A 40 14.91 -14.92 -4.78
N TYR A 41 14.36 -15.91 -5.47
CA TYR A 41 13.66 -15.62 -6.74
C TYR A 41 12.37 -14.94 -6.37
N GLY A 42 11.67 -14.34 -7.34
CA GLY A 42 10.40 -13.79 -6.95
C GLY A 42 9.30 -14.85 -7.08
N THR A 43 9.60 -16.13 -6.83
CA THR A 43 8.70 -17.20 -7.27
C THR A 43 8.56 -18.34 -6.28
N PRO A 44 7.44 -18.40 -5.56
CA PRO A 44 7.15 -19.44 -4.57
C PRO A 44 6.95 -20.85 -5.12
N ILE A 45 7.20 -21.89 -4.30
CA ILE A 45 6.87 -23.27 -4.68
C ILE A 45 6.19 -24.09 -3.57
N VAL A 46 5.26 -24.98 -3.92
CA VAL A 46 4.64 -25.90 -2.96
C VAL A 46 5.73 -26.83 -2.43
N THR A 47 5.76 -27.05 -1.13
CA THR A 47 6.72 -27.94 -0.49
C THR A 47 6.01 -29.14 0.17
N GLN A 48 4.66 -29.08 0.33
CA GLN A 48 3.87 -30.15 0.97
C GLN A 48 2.34 -29.96 0.78
N PHE A 49 1.63 -31.04 0.52
CA PHE A 49 0.18 -30.97 0.45
C PHE A 49 -0.42 -32.10 1.26
N ILE A 50 -1.49 -31.78 2.00
CA ILE A 50 -2.18 -32.76 2.87
C ILE A 50 -3.66 -32.75 2.56
N GLY A 51 -4.20 -33.91 2.15
CA GLY A 51 -5.61 -34.04 1.77
C GLY A 51 -5.74 -34.98 0.59
N ASP A 52 -6.95 -35.15 0.04
CA ASP A 52 -7.09 -36.09 -1.10
C ASP A 52 -7.04 -35.37 -2.46
N SER A 53 -6.85 -36.12 -3.54
CA SER A 53 -6.76 -35.59 -4.88
C SER A 53 -7.96 -34.75 -5.24
N LEU A 54 -9.16 -35.12 -4.78
CA LEU A 54 -10.33 -34.33 -5.22
C LEU A 54 -10.29 -32.93 -4.60
N SER A 55 -9.81 -32.83 -3.37
CA SER A 55 -9.63 -31.51 -2.72
C SER A 55 -8.58 -30.65 -3.47
N LEU A 56 -7.49 -31.30 -3.92
CA LEU A 56 -6.45 -30.67 -4.72
C LEU A 56 -6.97 -29.97 -5.96
N ALA A 57 -7.78 -30.71 -6.74
CA ALA A 57 -8.41 -30.17 -7.94
C ALA A 57 -9.35 -28.94 -7.66
N TYR A 58 -10.18 -29.06 -6.64
CA TYR A 58 -11.04 -27.99 -6.27
C TYR A 58 -10.21 -26.77 -5.96
N ALA A 59 -9.15 -26.94 -5.16
CA ALA A 59 -8.35 -25.75 -4.82
C ALA A 59 -7.64 -25.16 -6.00
N ALA A 60 -7.11 -26.01 -6.87
CA ALA A 60 -6.46 -25.51 -8.07
C ALA A 60 -7.45 -24.84 -9.02
N SER A 61 -8.66 -25.36 -9.14
CA SER A 61 -9.64 -24.78 -10.07
C SER A 61 -9.92 -23.33 -9.70
N VAL A 62 -9.98 -23.03 -8.41
CA VAL A 62 -10.28 -21.70 -7.91
C VAL A 62 -9.09 -20.74 -8.08
N GLU A 63 -7.88 -21.21 -7.76
CA GLU A 63 -6.68 -20.37 -7.86
C GLU A 63 -6.35 -20.01 -9.31
N ALA A 64 -6.93 -20.76 -10.26
CA ALA A 64 -6.68 -20.56 -11.70
C ALA A 64 -7.18 -19.16 -12.22
N LEU A 65 -8.10 -18.55 -11.46
CA LEU A 65 -8.66 -17.24 -11.81
C LEU A 65 -7.91 -16.05 -11.18
N SER A 66 -6.83 -16.32 -10.44
CA SER A 66 -6.06 -15.27 -9.75
C SER A 66 -4.80 -15.03 -10.60
N SER A 67 -4.09 -13.93 -10.32
CA SER A 67 -2.81 -13.68 -10.99
C SER A 67 -1.70 -13.64 -9.95
N HIS A 68 -2.07 -13.74 -8.67
CA HIS A 68 -1.12 -13.81 -7.55
C HIS A 68 -0.07 -14.92 -7.66
N PRO A 69 1.21 -14.61 -7.35
CA PRO A 69 2.26 -15.64 -7.37
C PRO A 69 1.91 -16.90 -6.57
N ILE A 70 1.28 -16.73 -5.40
CA ILE A 70 0.88 -17.90 -4.57
C ILE A 70 -0.08 -18.79 -5.30
N ALA A 71 -1.15 -18.22 -5.85
CA ALA A 71 -2.06 -18.94 -6.74
C ALA A 71 -1.35 -19.67 -7.89
N LYS A 72 -0.56 -18.96 -8.69
CA LYS A 72 0.19 -19.57 -9.79
C LYS A 72 0.93 -20.87 -9.42
N ALA A 73 1.63 -20.83 -8.28
CA ALA A 73 2.36 -21.95 -7.74
C ALA A 73 1.46 -23.13 -7.38
N ILE A 74 0.20 -22.86 -7.04
CA ILE A 74 -0.67 -23.95 -6.64
C ILE A 74 -1.26 -24.66 -7.87
N VAL A 75 -1.57 -23.89 -8.90
CA VAL A 75 -2.04 -24.42 -10.16
C VAL A 75 -0.95 -25.22 -10.85
N LYS A 76 0.30 -24.73 -10.80
CA LYS A 76 1.45 -25.44 -11.37
C LYS A 76 1.67 -26.80 -10.68
N TYR A 77 1.72 -26.81 -9.33
CA TYR A 77 1.85 -28.06 -8.56
C TYR A 77 0.73 -29.07 -8.85
N ALA A 78 -0.52 -28.58 -8.87
CA ALA A 78 -1.67 -29.46 -9.23
C ALA A 78 -1.51 -30.07 -10.64
N LYS A 79 -1.10 -29.26 -11.63
CA LYS A 79 -0.91 -29.85 -12.96
C LYS A 79 0.25 -30.86 -13.04
N GLU A 80 1.31 -30.65 -12.27
CA GLU A 80 2.38 -31.66 -12.24
C GLU A 80 1.89 -32.97 -11.58
N GLN A 81 0.86 -32.92 -10.73
CA GLN A 81 0.37 -34.18 -10.17
C GLN A 81 -0.57 -34.84 -11.13
N GLY A 82 -0.98 -34.11 -12.17
CA GLY A 82 -1.84 -34.69 -13.22
C GLY A 82 -3.32 -34.33 -13.22
N VAL A 83 -3.84 -33.66 -12.20
CA VAL A 83 -5.30 -33.30 -12.15
C VAL A 83 -5.64 -32.23 -13.20
N LYS A 84 -6.91 -32.14 -13.59
CA LYS A 84 -7.31 -31.17 -14.61
C LYS A 84 -8.18 -30.07 -14.01
N ILE A 85 -8.15 -28.89 -14.59
CA ILE A 85 -8.92 -27.73 -14.12
C ILE A 85 -10.43 -27.83 -14.43
N LEU A 86 -11.27 -27.38 -13.49
CA LEU A 86 -12.74 -27.56 -13.57
C LEU A 86 -13.50 -26.23 -13.67
N GLU A 87 -14.82 -26.29 -13.89
CA GLU A 87 -15.65 -25.11 -14.03
C GLU A 87 -15.91 -24.39 -12.69
N VAL A 88 -15.54 -23.12 -12.59
CA VAL A 88 -15.80 -22.34 -11.35
C VAL A 88 -16.76 -21.19 -11.60
N LYS A 89 -17.50 -20.83 -10.55
CA LYS A 89 -18.56 -19.82 -10.66
C LYS A 89 -18.42 -18.81 -9.54
N ASP A 90 -19.11 -17.68 -9.68
CA ASP A 90 -19.16 -16.71 -8.59
C ASP A 90 -17.81 -16.49 -7.92
N PHE A 91 -16.77 -16.35 -8.75
CA PHE A 91 -15.44 -16.02 -8.28
C PHE A 91 -15.37 -14.70 -7.48
N LYS A 92 -14.48 -14.62 -6.50
CA LYS A 92 -14.27 -13.45 -5.67
C LYS A 92 -12.90 -13.47 -5.04
N GLU A 93 -12.17 -12.37 -5.18
CA GLU A 93 -10.77 -12.30 -4.73
C GLU A 93 -10.49 -11.12 -3.78
N ILE A 94 -9.48 -11.34 -2.90
CA ILE A 94 -8.88 -10.27 -2.06
C ILE A 94 -7.35 -10.54 -1.89
N SER A 95 -6.54 -9.84 -2.73
CA SER A 95 -5.07 -10.12 -2.92
C SER A 95 -4.27 -10.35 -1.63
N GLY A 96 -3.56 -11.48 -1.59
CA GLY A 96 -2.72 -11.86 -0.44
C GLY A 96 -3.41 -12.37 0.81
N ILE A 97 -4.75 -12.49 0.76
CA ILE A 97 -5.55 -13.00 1.88
C ILE A 97 -6.29 -14.27 1.45
N GLY A 98 -7.02 -14.19 0.36
CA GLY A 98 -7.65 -15.40 -0.13
C GLY A 98 -8.56 -15.24 -1.31
N VAL A 99 -9.24 -16.35 -1.62
CA VAL A 99 -10.02 -16.51 -2.82
C VAL A 99 -11.21 -17.54 -2.63
N ARG A 100 -12.28 -17.35 -3.41
CA ARG A 100 -13.54 -18.12 -3.27
C ARG A 100 -14.21 -18.43 -4.62
N GLY A 101 -15.06 -19.46 -4.68
CA GLY A 101 -15.79 -19.78 -5.92
C GLY A 101 -16.55 -21.08 -5.72
N LYS A 102 -17.42 -21.45 -6.67
CA LYS A 102 -18.37 -22.57 -6.49
C LYS A 102 -18.33 -23.61 -7.60
N ILE A 103 -18.18 -24.86 -7.19
CA ILE A 103 -18.07 -26.04 -8.06
C ILE A 103 -19.02 -27.15 -7.57
N SER A 104 -19.63 -27.87 -8.50
CA SER A 104 -20.54 -28.98 -8.18
C SER A 104 -21.49 -28.64 -7.02
N ASP A 105 -21.90 -27.37 -6.94
CA ASP A 105 -22.78 -26.89 -5.88
C ASP A 105 -22.14 -26.67 -4.49
N LYS A 106 -20.83 -27.01 -4.33
CA LYS A 106 -20.06 -26.68 -3.11
C LYS A 106 -19.54 -25.25 -3.16
N ILE A 107 -19.29 -24.68 -1.96
CA ILE A 107 -18.53 -23.40 -1.92
C ILE A 107 -17.12 -23.68 -1.43
N ILE A 108 -16.12 -23.25 -2.21
CA ILE A 108 -14.72 -23.52 -1.92
C ILE A 108 -13.89 -22.29 -1.68
N GLU A 109 -12.99 -22.40 -0.69
CA GLU A 109 -12.19 -21.30 -0.18
C GLU A 109 -10.75 -21.63 0.12
N VAL A 110 -9.86 -20.75 -0.33
CA VAL A 110 -8.43 -20.95 -0.12
C VAL A 110 -7.85 -19.74 0.56
N LYS A 111 -7.45 -19.87 1.83
CA LYS A 111 -6.97 -18.72 2.58
C LYS A 111 -5.87 -19.08 3.58
N LYS A 112 -5.34 -18.07 4.28
CA LYS A 112 -4.18 -18.24 5.16
C LYS A 112 -4.50 -18.00 6.62
N ALA A 113 -3.80 -17.03 7.23
CA ALA A 113 -3.99 -16.56 8.63
C ALA A 113 -4.36 -17.66 9.68
N GLU A 114 -3.43 -18.57 9.93
CA GLU A 114 -3.67 -19.71 10.80
C GLU A 114 -2.37 -20.26 11.37
N ASP A 118 0.57 -22.05 6.52
CA ASP A 118 0.41 -21.19 5.35
C ASP A 118 -1.04 -21.21 4.83
N ILE A 119 -1.37 -22.15 3.97
CA ILE A 119 -2.68 -22.19 3.32
C ILE A 119 -3.63 -23.36 3.75
N ALA A 120 -4.93 -23.06 3.83
CA ALA A 120 -5.97 -24.00 4.23
C ALA A 120 -7.06 -24.04 3.17
N VAL A 121 -7.56 -25.24 2.85
CA VAL A 121 -8.68 -25.35 1.90
C VAL A 121 -9.97 -25.65 2.65
N TYR A 122 -11.08 -25.01 2.27
CA TYR A 122 -12.34 -25.19 2.96
C TYR A 122 -13.43 -25.55 1.98
N ILE A 123 -14.26 -26.53 2.36
CA ILE A 123 -15.40 -26.92 1.52
C ILE A 123 -16.70 -26.82 2.32
N ASN A 124 -17.53 -25.80 2.04
CA ASN A 124 -18.76 -25.61 2.79
C ASN A 124 -18.41 -25.41 4.28
N GLY A 125 -17.57 -24.45 4.57
CA GLY A 125 -17.20 -24.19 5.97
C GLY A 125 -16.25 -25.19 6.62
N GLU A 126 -16.10 -26.40 6.06
CA GLU A 126 -15.21 -27.40 6.70
C GLU A 126 -13.72 -27.34 6.22
N PRO A 127 -12.76 -27.23 7.16
CA PRO A 127 -11.33 -27.19 6.81
C PRO A 127 -10.79 -28.59 6.47
N ILE A 128 -10.59 -28.92 5.19
CA ILE A 128 -10.28 -30.32 4.80
C ILE A 128 -8.84 -30.61 4.25
N ALA A 129 -8.10 -29.56 3.88
CA ALA A 129 -6.79 -29.74 3.26
C ALA A 129 -5.89 -28.55 3.50
N SER A 130 -4.61 -28.65 3.13
CA SER A 130 -3.67 -27.54 3.36
C SER A 130 -2.43 -27.57 2.52
N PHE A 131 -1.83 -26.40 2.38
CA PHE A 131 -0.58 -26.28 1.61
C PHE A 131 0.49 -25.68 2.46
N ASN A 132 1.70 -26.08 2.16
CA ASN A 132 2.84 -25.50 2.78
C ASN A 132 3.76 -24.96 1.69
N ILE A 133 4.01 -23.65 1.67
CA ILE A 133 4.82 -23.03 0.59
C ILE A 133 6.08 -22.25 1.01
N SER A 134 7.11 -22.26 0.16
CA SER A 134 8.36 -21.50 0.45
C SER A 134 8.94 -20.81 -0.79
N ASP A 135 10.10 -20.19 -0.67
CA ASP A 135 10.75 -19.56 -1.82
C ASP A 135 12.16 -20.16 -2.05
N VAL A 136 12.62 -20.12 -3.30
CA VAL A 136 13.95 -20.60 -3.71
C VAL A 136 15.13 -19.58 -3.56
N PRO A 137 16.12 -19.96 -2.77
CA PRO A 137 17.31 -19.11 -2.56
C PRO A 137 18.15 -19.02 -3.83
N ARG A 138 18.63 -17.81 -4.13
CA ARG A 138 19.54 -17.61 -5.26
C ARG A 138 20.90 -18.22 -4.97
N PRO A 139 21.75 -18.28 -6.00
CA PRO A 139 23.20 -18.40 -5.80
C PRO A 139 23.89 -17.05 -5.92
N ASN A 140 24.51 -16.61 -4.83
CA ASN A 140 25.95 -16.39 -4.81
C ASN A 140 26.51 -16.36 -3.39
N LEU A 141 27.13 -15.25 -3.01
CA LEU A 141 27.46 -15.00 -1.62
C LEU A 141 28.82 -14.31 -1.50
N LYS A 142 29.82 -14.86 -2.19
CA LYS A 142 31.15 -14.25 -2.23
C LYS A 142 31.05 -12.73 -2.25
N ASP A 143 30.42 -12.20 -3.29
CA ASP A 143 30.11 -10.77 -3.35
C ASP A 143 29.61 -10.26 -2.00
N TYR A 144 29.22 -11.18 -1.13
CA TYR A 144 28.73 -10.84 0.20
C TYR A 144 29.89 -10.68 1.19
N LEU A 145 30.64 -11.75 1.39
CA LEU A 145 31.77 -11.73 2.25
C LEU A 145 32.65 -10.53 1.86
N GLU A 146 32.77 -10.26 0.55
CA GLU A 146 33.52 -9.12 0.00
C GLU A 146 33.15 -7.81 0.66
N LYS A 147 31.88 -7.47 0.56
CA LYS A 147 31.45 -6.17 1.00
C LYS A 147 31.38 -6.05 2.53
N LEU A 148 31.42 -7.16 3.25
CA LEU A 148 31.45 -7.18 4.72
C LEU A 148 32.79 -6.62 5.23
N LYS A 149 33.88 -7.05 4.60
CA LYS A 149 35.16 -6.43 4.84
C LYS A 149 35.31 -5.11 4.08
N ASN A 150 35.11 -5.12 2.75
CA ASN A 150 35.21 -3.90 1.95
C ASN A 150 34.49 -2.75 2.63
N GLU A 151 35.12 -1.58 2.63
CA GLU A 151 34.58 -0.40 3.32
C GLU A 151 34.09 -0.70 4.75
N GLY A 152 34.08 -1.98 5.16
CA GLY A 152 33.41 -2.38 6.42
C GLY A 152 31.95 -1.91 6.40
N LEU A 153 31.17 -2.34 5.41
CA LEU A 153 29.74 -2.05 5.36
C LEU A 153 28.94 -3.01 6.25
N LYS A 154 27.98 -2.45 6.99
CA LYS A 154 27.08 -3.25 7.79
C LYS A 154 26.07 -3.82 6.82
N ILE A 155 25.56 -5.00 7.16
CA ILE A 155 24.64 -5.66 6.30
C ILE A 155 23.45 -6.15 7.11
N ILE A 156 22.24 -5.76 6.67
CA ILE A 156 20.98 -6.13 7.34
C ILE A 156 19.98 -6.81 6.41
N ILE A 157 19.24 -7.80 6.97
CA ILE A 157 18.16 -8.46 6.25
C ILE A 157 16.77 -8.14 6.85
N LEU A 158 15.81 -7.69 6.03
CA LEU A 158 14.46 -7.41 6.52
C LEU A 158 13.51 -8.42 5.87
N SER A 159 12.38 -8.71 6.52
CA SER A 159 11.29 -9.45 5.86
C SER A 159 9.94 -9.52 6.58
N GLY A 160 8.87 -9.61 5.79
CA GLY A 160 7.53 -9.93 6.34
C GLY A 160 7.31 -11.41 6.70
N ASP A 161 8.26 -12.25 6.34
CA ASP A 161 8.18 -13.65 6.63
C ASP A 161 8.41 -14.00 8.10
N LYS A 162 7.96 -15.19 8.47
CA LYS A 162 8.17 -15.77 9.80
C LYS A 162 9.64 -15.83 10.31
N GLU A 163 9.82 -15.60 11.61
CA GLU A 163 11.12 -15.70 12.31
C GLU A 163 12.01 -16.94 12.02
N ASP A 164 11.45 -18.13 12.05
CA ASP A 164 12.25 -19.36 11.78
C ASP A 164 12.76 -19.44 10.34
N LYS A 165 12.05 -18.82 9.42
CA LYS A 165 12.45 -18.78 8.00
C LYS A 165 13.57 -17.78 7.72
N VAL A 166 13.52 -16.62 8.36
CA VAL A 166 14.50 -15.55 8.11
C VAL A 166 15.82 -15.94 8.79
N LYS A 167 15.72 -16.46 10.01
CA LYS A 167 16.85 -17.09 10.73
C LYS A 167 17.64 -18.11 9.89
N GLU A 168 16.93 -19.05 9.28
CA GLU A 168 17.56 -20.11 8.53
C GLU A 168 18.28 -19.52 7.31
N LEU A 169 17.64 -18.60 6.60
CA LEU A 169 18.33 -17.95 5.47
C LEU A 169 19.56 -17.12 5.93
N SER A 170 19.45 -16.47 7.10
CA SER A 170 20.59 -15.76 7.75
C SER A 170 21.81 -16.61 8.09
N LYS A 171 21.60 -17.83 8.62
CA LYS A 171 22.71 -18.75 8.86
C LYS A 171 23.44 -19.10 7.54
N GLU A 172 22.68 -19.42 6.50
CA GLU A 172 23.24 -19.88 5.23
C GLU A 172 24.02 -18.80 4.49
N LEU A 173 23.64 -17.53 4.70
CA LEU A 173 24.40 -16.40 4.13
C LEU A 173 25.31 -15.79 5.15
N ASN A 174 25.26 -16.30 6.37
CA ASN A 174 26.16 -15.85 7.43
C ASN A 174 26.03 -14.34 7.70
N ILE A 175 24.86 -13.95 8.18
CA ILE A 175 24.53 -12.57 8.45
C ILE A 175 24.01 -12.54 9.86
N GLN A 176 24.58 -11.68 10.69
CA GLN A 176 24.16 -11.56 12.06
C GLN A 176 22.83 -10.84 12.32
N GLU A 177 22.63 -9.68 11.66
CA GLU A 177 21.50 -8.81 11.99
C GLU A 177 20.30 -8.91 11.02
N TYR A 178 19.17 -9.41 11.54
CA TYR A 178 17.98 -9.60 10.77
C TYR A 178 16.71 -9.18 11.56
N TYR A 179 15.62 -8.89 10.84
CA TYR A 179 14.29 -8.56 11.44
C TYR A 179 13.14 -9.28 10.72
N SER A 180 12.26 -9.93 11.47
CA SER A 180 11.21 -10.74 10.84
C SER A 180 9.79 -10.23 11.09
N ASN A 181 8.82 -10.81 10.37
CA ASN A 181 7.40 -10.50 10.54
C ASN A 181 7.08 -9.00 10.51
N LEU A 182 7.63 -8.28 9.52
CA LEU A 182 7.43 -6.84 9.36
C LEU A 182 6.33 -6.41 8.38
N SER A 183 5.50 -5.46 8.77
CA SER A 183 4.50 -4.88 7.81
C SER A 183 5.25 -3.88 6.86
N PRO A 184 4.56 -3.35 5.83
CA PRO A 184 5.27 -2.31 5.07
C PRO A 184 5.60 -1.10 5.96
N GLU A 185 4.71 -0.69 6.86
CA GLU A 185 5.02 0.44 7.76
C GLU A 185 6.14 0.18 8.79
N ASP A 186 6.24 -1.05 9.31
CA ASP A 186 7.34 -1.43 10.21
C ASP A 186 8.66 -1.15 9.51
N LYS A 187 8.77 -1.63 8.26
CA LYS A 187 9.97 -1.45 7.40
C LYS A 187 10.39 0.05 7.31
N VAL A 188 9.41 0.95 7.03
CA VAL A 188 9.60 2.38 7.01
C VAL A 188 10.16 2.78 8.33
N ARG A 189 9.61 2.19 9.39
CA ARG A 189 9.99 2.58 10.76
C ARG A 189 11.42 2.15 11.11
N ILE A 190 11.92 1.07 10.53
CA ILE A 190 13.31 0.69 10.79
C ILE A 190 14.31 1.59 10.07
N ILE A 191 14.04 1.90 8.81
CA ILE A 191 14.92 2.78 8.01
C ILE A 191 15.01 4.17 8.66
N GLU A 192 13.98 4.57 9.40
CA GLU A 192 13.97 5.90 10.05
C GLU A 192 15.00 6.00 11.18
N LYS A 193 14.93 5.05 12.11
CA LYS A 193 15.80 4.96 13.28
C LYS A 193 17.32 4.98 12.87
N LEU A 194 17.68 4.22 11.83
CA LEU A 194 19.01 4.24 11.22
C LEU A 194 19.48 5.61 10.71
N LYS A 195 18.59 6.39 10.13
CA LYS A 195 18.93 7.68 9.56
C LYS A 195 19.14 8.72 10.66
N GLN A 196 18.35 8.57 11.73
CA GLN A 196 18.37 9.51 12.85
C GLN A 196 19.66 9.27 13.60
N ASN A 197 19.97 7.98 13.74
CA ASN A 197 21.24 7.48 14.26
C ASN A 197 22.49 7.81 13.40
N GLY A 198 22.33 8.62 12.35
CA GLY A 198 23.47 9.06 11.56
C GLY A 198 23.96 8.15 10.43
N ASN A 199 23.28 7.01 10.21
CA ASN A 199 23.63 6.05 9.13
C ASN A 199 23.28 6.49 7.72
N LYS A 200 24.06 6.03 6.74
CA LYS A 200 23.73 6.26 5.34
C LYS A 200 23.28 4.94 4.65
N VAL A 201 22.01 4.84 4.27
CA VAL A 201 21.47 3.52 3.96
C VAL A 201 21.25 3.24 2.45
N LEU A 202 21.84 2.15 1.96
CA LEU A 202 21.42 1.61 0.63
C LEU A 202 20.56 0.38 0.85
N MET A 203 19.36 0.39 0.23
CA MET A 203 18.35 -0.69 0.32
C MET A 203 17.98 -1.22 -1.07
N ILE A 204 17.66 -2.53 -1.14
CA ILE A 204 17.35 -3.24 -2.39
C ILE A 204 16.06 -4.03 -2.17
N GLY A 205 15.06 -3.79 -3.04
CA GLY A 205 13.77 -4.41 -2.88
C GLY A 205 13.12 -4.78 -4.21
N ASP A 206 12.03 -5.53 -4.12
CA ASP A 206 11.31 -5.86 -5.31
C ASP A 206 10.11 -4.95 -5.60
N GLY A 207 9.79 -3.96 -4.78
CA GLY A 207 8.57 -3.11 -5.10
C GLY A 207 7.21 -3.45 -4.48
N VAL A 208 7.04 -4.70 -4.07
CA VAL A 208 5.82 -5.17 -3.44
C VAL A 208 6.00 -5.00 -1.96
N ASN A 209 5.03 -4.41 -1.32
CA ASN A 209 5.09 -4.23 0.14
C ASN A 209 6.27 -3.42 0.61
N ASP A 210 6.96 -2.68 -0.25
CA ASP A 210 8.07 -1.86 0.27
C ASP A 210 8.40 -0.52 -0.43
N ALA A 211 7.53 -0.07 -1.33
CA ALA A 211 7.75 1.17 -2.07
C ALA A 211 8.05 2.38 -1.13
N ALA A 212 7.30 2.49 -0.05
CA ALA A 212 7.59 3.53 0.91
C ALA A 212 8.98 3.40 1.57
N ALA A 213 9.38 2.21 2.01
CA ALA A 213 10.73 2.06 2.60
C ALA A 213 11.79 2.51 1.58
N LEU A 214 11.72 2.00 0.38
CA LEU A 214 12.66 2.41 -0.67
C LEU A 214 12.71 3.91 -0.90
N ALA A 215 11.56 4.60 -0.95
CA ALA A 215 11.57 6.05 -1.20
C ALA A 215 12.34 6.76 -0.09
N LEU A 216 12.20 6.27 1.14
CA LEU A 216 12.96 6.79 2.29
C LEU A 216 14.49 6.62 2.25
N ALA A 217 15.01 5.48 1.77
CA ALA A 217 16.49 5.22 1.79
C ALA A 217 17.26 6.31 1.06
N ASP A 218 18.52 6.50 1.47
CA ASP A 218 19.43 7.42 0.81
C ASP A 218 19.72 7.01 -0.62
N VAL A 219 19.67 5.70 -0.91
CA VAL A 219 19.74 5.22 -2.31
C VAL A 219 18.94 3.95 -2.48
N SER A 220 18.07 3.92 -3.50
CA SER A 220 17.18 2.78 -3.65
C SER A 220 17.49 1.93 -4.90
N VAL A 221 17.42 0.62 -4.76
CA VAL A 221 17.57 -0.24 -5.92
C VAL A 221 16.37 -1.15 -6.10
N ALA A 222 15.76 -1.05 -7.26
CA ALA A 222 14.62 -1.90 -7.59
C ALA A 222 14.93 -3.04 -8.56
N MET A 223 14.33 -4.20 -8.34
CA MET A 223 14.34 -5.31 -9.31
C MET A 223 13.50 -5.07 -10.63
N GLY A 224 14.02 -5.52 -11.77
CA GLY A 224 13.34 -5.38 -13.05
C GLY A 224 12.24 -6.40 -13.24
N ASN A 225 12.56 -7.67 -13.01
CA ASN A 225 11.61 -8.80 -13.26
C ASN A 225 10.42 -8.70 -12.29
N GLY A 226 10.58 -7.91 -11.23
CA GLY A 226 9.47 -7.54 -10.40
C GLY A 226 8.60 -6.46 -11.02
N VAL A 227 7.30 -6.70 -11.07
CA VAL A 227 6.41 -5.95 -11.95
C VAL A 227 6.42 -4.46 -11.59
N ASP A 228 7.53 -3.79 -11.89
CA ASP A 228 7.73 -2.42 -11.45
C ASP A 228 6.96 -1.45 -12.33
N ILE A 229 5.63 -1.56 -12.32
CA ILE A 229 4.81 -1.01 -13.38
C ILE A 229 4.46 0.45 -13.10
N SER A 230 5.08 1.02 -12.07
CA SER A 230 4.34 1.74 -11.04
C SER A 230 5.01 1.58 -9.68
N LYS A 231 6.16 0.92 -9.66
CA LYS A 231 7.26 1.33 -8.78
C LYS A 231 8.47 1.77 -9.59
N ASN A 232 8.21 2.46 -10.71
CA ASN A 232 9.27 3.05 -11.51
C ASN A 232 9.99 4.17 -10.76
N VAL A 233 9.81 4.22 -9.45
CA VAL A 233 10.53 5.18 -8.61
C VAL A 233 11.60 4.49 -7.79
N ALA A 234 12.84 4.55 -8.27
CA ALA A 234 13.99 4.04 -7.52
C ALA A 234 15.15 4.62 -8.23
N ASP A 235 16.21 4.94 -7.48
CA ASP A 235 17.41 5.55 -8.04
C ASP A 235 18.10 4.67 -9.11
N ILE A 236 18.03 3.35 -8.93
CA ILE A 236 18.65 2.37 -9.79
C ILE A 236 17.70 1.18 -10.02
N ILE A 237 17.57 0.79 -11.29
CA ILE A 237 16.84 -0.41 -11.64
C ILE A 237 17.84 -1.40 -12.17
N LEU A 238 18.02 -2.48 -11.42
CA LEU A 238 18.75 -3.65 -11.89
C LEU A 238 17.98 -4.47 -12.95
N VAL A 239 17.82 -3.89 -14.15
CA VAL A 239 17.08 -4.46 -15.31
C VAL A 239 17.43 -5.91 -15.66
N SER A 240 18.68 -6.26 -15.38
CA SER A 240 19.20 -7.58 -15.64
C SER A 240 18.68 -8.46 -14.55
N ASN A 241 18.60 -7.91 -13.34
CA ASN A 241 18.24 -8.68 -12.16
C ASN A 241 19.46 -9.55 -11.84
N ASP A 242 20.63 -9.06 -12.26
CA ASP A 242 21.87 -9.60 -11.75
C ASP A 242 22.44 -8.82 -10.55
N ILE A 243 22.13 -9.30 -9.34
CA ILE A 243 22.56 -8.69 -8.05
C ILE A 243 24.12 -8.57 -7.85
N GLY A 244 24.85 -9.43 -8.56
CA GLY A 244 26.29 -9.54 -8.45
C GLY A 244 26.90 -8.23 -8.85
N THR A 245 26.41 -7.69 -9.97
CA THR A 245 26.95 -6.50 -10.60
C THR A 245 26.87 -5.27 -9.77
N LEU A 246 25.75 -5.12 -9.08
CA LEU A 246 25.55 -3.95 -8.20
C LEU A 246 26.47 -4.08 -7.04
N LEU A 247 26.51 -5.30 -6.50
CA LEU A 247 27.48 -5.72 -5.51
C LEU A 247 28.92 -5.43 -6.03
N GLY A 248 29.13 -5.66 -7.33
CA GLY A 248 30.30 -5.23 -8.04
C GLY A 248 30.44 -3.72 -8.07
N LEU A 249 29.35 -2.98 -8.33
CA LEU A 249 29.47 -1.51 -8.38
C LEU A 249 29.80 -0.91 -7.02
N ILE A 250 29.14 -1.41 -5.97
CA ILE A 250 29.43 -0.97 -4.60
C ILE A 250 30.86 -1.28 -4.17
N LYS A 251 31.44 -2.33 -4.77
CA LYS A 251 32.83 -2.77 -4.59
C LYS A 251 33.90 -1.79 -5.19
N ASN A 252 33.45 -0.93 -6.09
CA ASN A 252 34.36 0.02 -6.77
C ASN A 252 34.36 1.39 -6.16
N ARG A 253 34.63 1.46 -4.86
CA ARG A 253 34.50 2.73 -4.13
C ARG A 253 35.72 3.19 -3.34
N ALA B 2 -9.21 9.94 41.11
CA ALA B 2 -10.15 10.09 40.01
C ALA B 2 -9.96 9.00 38.97
N LEU B 3 -10.03 9.39 37.70
CA LEU B 3 -9.80 8.46 36.60
C LEU B 3 -8.35 8.51 36.12
N SER B 4 -7.76 7.34 35.91
CA SER B 4 -6.63 7.21 34.99
C SER B 4 -6.68 8.27 33.90
N LEU B 5 -5.51 8.80 33.54
CA LEU B 5 -5.41 9.75 32.45
C LEU B 5 -5.96 9.16 31.15
N TYR B 6 -5.77 7.86 30.97
CA TYR B 6 -6.34 7.15 29.83
C TYR B 6 -7.86 7.23 29.83
N GLU B 7 -8.46 7.07 31.00
CA GLU B 7 -9.89 7.21 31.16
C GLU B 7 -10.39 8.65 30.89
N LYS B 8 -9.59 9.67 31.24
CA LYS B 8 -9.99 11.07 31.04
C LYS B 8 -10.18 11.39 29.58
N MET B 9 -9.22 10.91 28.78
CA MET B 9 -9.15 11.14 27.34
C MET B 9 -10.26 10.46 26.58
N LEU B 10 -10.48 9.18 26.88
CA LEU B 10 -11.56 8.43 26.28
C LEU B 10 -12.87 9.19 26.43
N HIS B 11 -13.06 9.86 27.58
CA HIS B 11 -14.26 10.65 27.83
C HIS B 11 -14.32 11.96 27.02
N LYS B 12 -13.21 12.32 26.37
CA LYS B 12 -13.17 13.45 25.42
C LYS B 12 -13.18 13.00 23.94
N GLY B 13 -13.15 11.68 23.71
CA GLY B 13 -13.29 11.12 22.36
C GLY B 13 -11.96 10.88 21.67
N MET B 14 -10.92 10.62 22.45
CA MET B 14 -9.61 10.29 21.91
C MET B 14 -9.06 9.05 22.58
N ILE B 15 -8.50 8.14 21.75
CA ILE B 15 -7.76 6.97 22.26
C ILE B 15 -6.29 7.32 22.16
N ILE B 16 -5.60 7.24 23.29
CA ILE B 16 -4.15 7.54 23.37
C ILE B 16 -3.34 6.24 23.39
N LYS B 17 -2.11 6.26 22.86
CA LYS B 17 -1.30 5.04 22.66
C LYS B 17 -0.38 4.84 23.83
N ASN B 18 0.79 5.46 23.77
CA ASN B 18 1.84 5.07 24.70
C ASN B 18 2.20 6.18 25.72
N SER B 19 1.41 7.25 25.80
CA SER B 19 1.65 8.31 26.82
C SER B 19 3.03 8.99 26.76
N ASN B 20 3.84 8.56 25.81
CA ASN B 20 5.01 9.31 25.43
C ASN B 20 4.50 10.39 24.48
N VAL B 21 3.28 10.20 24.00
CA VAL B 21 2.62 11.21 23.18
C VAL B 21 2.41 12.55 23.92
N TYR B 22 2.06 12.49 25.22
CA TYR B 22 1.70 13.69 26.03
C TYR B 22 2.79 14.71 26.02
N GLU B 23 4.01 14.22 26.11
CA GLU B 23 5.13 15.13 26.16
C GLU B 23 5.70 15.39 24.79
N LYS B 24 5.20 14.65 23.80
CA LYS B 24 5.70 14.78 22.44
C LYS B 24 4.93 15.84 21.71
N ILE B 25 3.70 16.09 22.14
CA ILE B 25 2.92 17.11 21.49
C ILE B 25 3.56 18.46 21.74
N LYS B 26 3.91 18.71 23.00
CA LYS B 26 4.41 19.99 23.47
C LYS B 26 5.25 20.72 22.45
N GLU B 27 6.08 19.99 21.72
CA GLU B 27 7.09 20.63 20.88
C GLU B 27 6.83 20.74 19.37
N ILE B 28 5.66 20.30 18.89
CA ILE B 28 5.40 20.35 17.45
C ILE B 28 5.22 21.79 17.00
N ASP B 29 5.67 22.12 15.79
CA ASP B 29 5.48 23.46 15.24
C ASP B 29 4.73 23.44 13.91
N THR B 30 4.53 22.24 13.33
CA THR B 30 3.87 22.08 12.03
C THR B 30 2.71 21.07 12.08
N ILE B 31 1.56 21.51 11.61
CA ILE B 31 0.36 20.68 11.53
C ILE B 31 -0.01 20.41 10.12
N ILE B 32 -0.15 19.14 9.80
CA ILE B 32 -0.44 18.68 8.44
C ILE B 32 -1.75 17.95 8.31
N PHE B 33 -2.52 18.39 7.31
CA PHE B 33 -3.84 17.85 6.98
C PHE B 33 -3.90 17.04 5.66
N ASP B 34 -4.15 15.75 5.72
CA ASP B 34 -4.38 14.95 4.52
C ASP B 34 -5.90 15.10 4.20
N LYS B 35 -6.21 16.01 3.24
CA LYS B 35 -7.59 16.46 2.93
C LYS B 35 -8.73 15.44 3.20
N THR B 36 -8.68 14.29 2.53
CA THR B 36 -9.81 13.36 2.47
C THR B 36 -10.13 12.68 3.79
N GLY B 37 -11.30 12.99 4.36
CA GLY B 37 -11.75 12.36 5.62
C GLY B 37 -11.39 13.18 6.85
N THR B 38 -10.61 14.24 6.65
CA THR B 38 -10.27 15.12 7.78
C THR B 38 -11.01 16.44 7.58
N LEU B 39 -10.53 17.28 6.66
CA LEU B 39 -11.28 18.45 6.19
C LEU B 39 -12.54 18.19 5.34
N THR B 40 -12.73 16.95 4.87
CA THR B 40 -13.98 16.55 4.19
C THR B 40 -14.56 15.35 4.89
N TYR B 41 -15.72 14.89 4.45
CA TYR B 41 -16.30 13.66 5.02
C TYR B 41 -15.66 12.47 4.36
N GLY B 42 -15.93 11.29 4.88
CA GLY B 42 -15.36 10.15 4.21
C GLY B 42 -16.14 9.72 2.99
N THR B 43 -17.03 10.56 2.44
CA THR B 43 -18.06 10.06 1.50
C THR B 43 -18.32 10.85 0.22
N PRO B 44 -17.99 10.29 -0.93
CA PRO B 44 -18.24 10.84 -2.27
C PRO B 44 -19.72 10.93 -2.72
N ILE B 45 -20.01 11.87 -3.63
CA ILE B 45 -21.33 11.94 -4.22
C ILE B 45 -21.36 12.32 -5.72
N VAL B 46 -22.34 11.81 -6.44
CA VAL B 46 -22.41 12.09 -7.85
C VAL B 46 -22.83 13.56 -8.01
N THR B 47 -22.21 14.29 -8.94
CA THR B 47 -22.63 15.67 -9.20
C THR B 47 -23.20 15.85 -10.59
N GLN B 48 -23.02 14.86 -11.47
CA GLN B 48 -23.50 14.91 -12.85
C GLN B 48 -23.35 13.54 -13.53
N PHE B 49 -24.34 13.19 -14.36
CA PHE B 49 -24.33 11.99 -15.16
C PHE B 49 -24.73 12.33 -16.56
N ILE B 50 -23.99 11.80 -17.53
CA ILE B 50 -24.25 11.99 -18.96
C ILE B 50 -24.41 10.65 -19.67
N GLY B 51 -25.57 10.44 -20.27
CA GLY B 51 -25.87 9.23 -21.03
C GLY B 51 -27.32 8.90 -20.81
N ASP B 52 -27.79 7.75 -21.29
CA ASP B 52 -29.21 7.47 -21.19
C ASP B 52 -29.52 6.55 -19.95
N SER B 53 -30.79 6.34 -19.66
CA SER B 53 -31.18 5.67 -18.42
C SER B 53 -30.73 4.24 -18.42
N LEU B 54 -30.69 3.58 -19.60
CA LEU B 54 -30.28 2.19 -19.66
C LEU B 54 -28.81 1.98 -19.34
N SER B 55 -27.97 2.93 -19.75
CA SER B 55 -26.56 2.91 -19.40
C SER B 55 -26.39 3.06 -17.90
N LEU B 56 -27.17 3.98 -17.31
CA LEU B 56 -27.20 4.18 -15.86
C LEU B 56 -27.39 2.90 -15.07
N ALA B 57 -28.44 2.13 -15.46
CA ALA B 57 -28.73 0.87 -14.79
C ALA B 57 -27.62 -0.20 -14.91
N TYR B 58 -27.01 -0.29 -16.09
CA TYR B 58 -25.92 -1.21 -16.24
C TYR B 58 -24.76 -0.80 -15.38
N ALA B 59 -24.36 0.47 -15.41
CA ALA B 59 -23.21 0.83 -14.52
C ALA B 59 -23.58 0.55 -13.07
N ALA B 60 -24.82 0.86 -12.66
CA ALA B 60 -25.14 0.65 -11.26
C ALA B 60 -25.16 -0.85 -10.93
N SER B 61 -25.58 -1.68 -11.89
CA SER B 61 -25.75 -3.11 -11.62
C SER B 61 -24.41 -3.70 -11.26
N VAL B 62 -23.39 -3.26 -11.99
CA VAL B 62 -22.01 -3.74 -11.79
C VAL B 62 -21.42 -3.19 -10.50
N GLU B 63 -21.66 -1.91 -10.22
CA GLU B 63 -21.05 -1.30 -9.03
C GLU B 63 -21.61 -1.84 -7.73
N ALA B 64 -22.74 -2.52 -7.81
CA ALA B 64 -23.47 -3.10 -6.65
C ALA B 64 -22.66 -4.22 -6.02
N LEU B 65 -21.80 -4.84 -6.81
CA LEU B 65 -21.01 -5.97 -6.31
C LEU B 65 -19.71 -5.53 -5.64
N SER B 66 -19.51 -4.23 -5.50
CA SER B 66 -18.28 -3.71 -4.94
C SER B 66 -18.61 -3.12 -3.59
N SER B 67 -17.60 -2.93 -2.73
CA SER B 67 -17.79 -2.26 -1.44
C SER B 67 -17.15 -0.91 -1.42
N HIS B 68 -16.26 -0.65 -2.39
CA HIS B 68 -15.62 0.65 -2.56
C HIS B 68 -16.58 1.86 -2.39
N PRO B 69 -16.11 2.92 -1.72
CA PRO B 69 -16.95 4.10 -1.52
C PRO B 69 -17.38 4.78 -2.82
N ILE B 70 -16.53 4.77 -3.86
CA ILE B 70 -16.98 5.30 -5.18
C ILE B 70 -18.15 4.50 -5.74
N ALA B 71 -18.07 3.19 -5.62
CA ALA B 71 -19.15 2.31 -6.06
C ALA B 71 -20.51 2.63 -5.37
N LYS B 72 -20.50 2.66 -4.04
CA LYS B 72 -21.72 2.91 -3.24
C LYS B 72 -22.48 4.15 -3.71
N ALA B 73 -21.73 5.25 -3.93
CA ALA B 73 -22.21 6.51 -4.38
C ALA B 73 -22.96 6.41 -5.73
N ILE B 74 -22.50 5.51 -6.63
CA ILE B 74 -23.14 5.37 -7.94
C ILE B 74 -24.44 4.54 -7.79
N VAL B 75 -24.41 3.53 -6.90
CA VAL B 75 -25.58 2.70 -6.69
C VAL B 75 -26.66 3.52 -5.97
N LYS B 76 -26.25 4.42 -5.07
CA LYS B 76 -27.22 5.27 -4.38
C LYS B 76 -27.86 6.30 -5.35
N TYR B 77 -27.05 7.04 -6.12
CA TYR B 77 -27.57 7.94 -7.14
C TYR B 77 -28.53 7.26 -8.11
N ALA B 78 -28.15 6.08 -8.59
CA ALA B 78 -29.02 5.37 -9.55
C ALA B 78 -30.36 5.07 -8.89
N LYS B 79 -30.33 4.70 -7.60
CA LYS B 79 -31.57 4.29 -6.92
C LYS B 79 -32.48 5.48 -6.70
N GLU B 80 -31.87 6.62 -6.36
CA GLU B 80 -32.61 7.90 -6.28
C GLU B 80 -33.24 8.33 -7.61
N GLN B 81 -32.76 7.87 -8.77
CA GLN B 81 -33.48 8.19 -10.00
C GLN B 81 -34.51 7.12 -10.29
N GLY B 82 -34.68 6.15 -9.39
CA GLY B 82 -35.68 5.11 -9.57
C GLY B 82 -35.36 3.88 -10.42
N VAL B 83 -34.12 3.72 -10.90
CA VAL B 83 -33.80 2.55 -11.71
C VAL B 83 -33.58 1.35 -10.81
N LYS B 84 -33.73 0.12 -11.34
CA LYS B 84 -33.54 -1.09 -10.51
C LYS B 84 -32.33 -1.98 -10.88
N ILE B 85 -31.85 -2.76 -9.93
CA ILE B 85 -30.60 -3.50 -10.12
C ILE B 85 -30.83 -4.77 -10.91
N LEU B 86 -29.82 -5.19 -11.65
CA LEU B 86 -29.95 -6.30 -12.58
C LEU B 86 -28.95 -7.40 -12.28
N GLU B 87 -29.13 -8.56 -12.90
CA GLU B 87 -28.29 -9.75 -12.76
C GLU B 87 -26.98 -9.61 -13.56
N VAL B 88 -25.85 -9.82 -12.90
CA VAL B 88 -24.51 -9.63 -13.46
C VAL B 88 -23.69 -10.92 -13.33
N LYS B 89 -22.91 -11.21 -14.35
CA LYS B 89 -22.18 -12.46 -14.41
C LYS B 89 -20.69 -12.14 -14.43
N ASP B 90 -19.83 -13.14 -14.23
CA ASP B 90 -18.37 -12.97 -14.38
C ASP B 90 -17.84 -11.62 -13.86
N PHE B 91 -18.23 -11.25 -12.66
CA PHE B 91 -17.73 -10.04 -12.01
C PHE B 91 -16.19 -10.07 -11.85
N LYS B 92 -15.57 -8.90 -11.76
CA LYS B 92 -14.13 -8.76 -11.50
C LYS B 92 -13.80 -7.35 -11.08
N GLU B 93 -13.02 -7.23 -10.02
CA GLU B 93 -12.70 -5.91 -9.48
C GLU B 93 -11.20 -5.62 -9.48
N ILE B 94 -10.86 -4.34 -9.27
CA ILE B 94 -9.51 -3.86 -8.97
C ILE B 94 -9.67 -2.46 -8.31
N SER B 95 -9.49 -2.42 -6.98
CA SER B 95 -9.80 -1.25 -6.11
C SER B 95 -9.20 0.07 -6.57
N GLY B 96 -10.03 1.13 -6.57
CA GLY B 96 -9.63 2.48 -6.99
C GLY B 96 -9.24 2.61 -8.46
N ILE B 97 -9.68 1.64 -9.27
CA ILE B 97 -9.33 1.59 -10.68
C ILE B 97 -10.58 1.32 -11.52
N GLY B 98 -11.18 0.14 -11.36
CA GLY B 98 -12.41 -0.11 -12.06
C GLY B 98 -13.06 -1.44 -11.80
N VAL B 99 -14.16 -1.66 -12.49
CA VAL B 99 -14.94 -2.84 -12.30
C VAL B 99 -15.45 -3.31 -13.65
N ARG B 100 -15.78 -4.60 -13.76
CA ARG B 100 -16.18 -5.25 -15.03
C ARG B 100 -17.22 -6.37 -14.77
N GLY B 101 -18.16 -6.58 -15.69
CA GLY B 101 -19.18 -7.64 -15.57
C GLY B 101 -20.01 -7.76 -16.84
N LYS B 102 -20.81 -8.81 -16.96
CA LYS B 102 -21.57 -9.06 -18.19
C LYS B 102 -23.04 -9.16 -17.91
N ILE B 103 -23.83 -8.37 -18.63
CA ILE B 103 -25.29 -8.37 -18.55
C ILE B 103 -25.87 -8.51 -19.98
N SER B 104 -26.94 -9.26 -20.11
CA SER B 104 -27.66 -9.38 -21.38
C SER B 104 -26.69 -9.60 -22.52
N ASP B 105 -25.72 -10.47 -22.30
CA ASP B 105 -24.63 -10.77 -23.27
C ASP B 105 -23.65 -9.60 -23.68
N LYS B 106 -23.77 -8.43 -23.03
CA LYS B 106 -22.84 -7.31 -23.24
C LYS B 106 -21.81 -7.24 -22.13
N ILE B 107 -20.60 -6.84 -22.46
CA ILE B 107 -19.58 -6.64 -21.42
C ILE B 107 -19.55 -5.16 -21.01
N ILE B 108 -19.73 -4.90 -19.74
CA ILE B 108 -19.80 -3.57 -19.18
C ILE B 108 -18.62 -3.28 -18.24
N GLU B 109 -18.05 -2.08 -18.38
CA GLU B 109 -16.87 -1.61 -17.63
C GLU B 109 -16.98 -0.16 -17.13
N VAL B 110 -16.66 0.03 -15.85
CA VAL B 110 -16.68 1.32 -15.21
C VAL B 110 -15.31 1.57 -14.65
N LYS B 111 -14.63 2.58 -15.16
CA LYS B 111 -13.25 2.84 -14.74
C LYS B 111 -12.88 4.32 -14.87
N LYS B 112 -11.64 4.65 -14.55
CA LYS B 112 -11.22 6.06 -14.48
C LYS B 112 -10.17 6.45 -15.51
N ALA B 113 -9.03 7.00 -15.03
CA ALA B 113 -7.89 7.51 -15.86
C ALA B 113 -8.26 8.11 -17.25
N GLU B 114 -8.83 9.30 -17.22
CA GLU B 114 -9.22 9.99 -18.45
C GLU B 114 -9.28 11.50 -18.24
N ASP B 118 -13.68 12.02 -14.31
CA ASP B 118 -13.75 11.03 -13.24
C ASP B 118 -13.97 9.63 -13.81
N ILE B 119 -15.23 9.24 -13.95
CA ILE B 119 -15.57 7.87 -14.34
C ILE B 119 -16.25 7.77 -15.73
N ALA B 120 -15.89 6.75 -16.49
CA ALA B 120 -16.37 6.53 -17.84
C ALA B 120 -17.05 5.19 -17.85
N VAL B 121 -18.11 5.02 -18.64
CA VAL B 121 -18.77 3.71 -18.80
C VAL B 121 -18.60 3.13 -20.22
N TYR B 122 -18.29 1.84 -20.32
CA TYR B 122 -18.06 1.27 -21.66
C TYR B 122 -18.96 0.06 -21.87
N ILE B 123 -19.49 -0.06 -23.09
CA ILE B 123 -20.26 -1.27 -23.46
C ILE B 123 -19.68 -1.91 -24.74
N ASN B 124 -19.14 -3.12 -24.63
CA ASN B 124 -18.33 -3.73 -25.66
C ASN B 124 -17.24 -2.78 -26.19
N GLY B 125 -16.37 -2.30 -25.29
CA GLY B 125 -15.30 -1.40 -25.71
C GLY B 125 -15.74 0.01 -26.07
N GLU B 126 -17.02 0.30 -26.25
CA GLU B 126 -17.41 1.67 -26.62
C GLU B 126 -17.70 2.65 -25.43
N PRO B 127 -17.06 3.82 -25.42
CA PRO B 127 -17.33 4.72 -24.36
C PRO B 127 -18.68 5.41 -24.52
N ILE B 128 -19.67 5.10 -23.67
CA ILE B 128 -21.00 5.62 -23.93
C ILE B 128 -21.58 6.57 -22.86
N ALA B 129 -20.99 6.64 -21.66
CA ALA B 129 -21.56 7.47 -20.58
C ALA B 129 -20.48 7.90 -19.57
N SER B 130 -20.83 8.79 -18.61
CA SER B 130 -19.82 9.20 -17.63
C SER B 130 -20.37 9.80 -16.36
N PHE B 131 -19.57 9.74 -15.30
CA PHE B 131 -19.93 10.36 -14.02
C PHE B 131 -18.92 11.40 -13.61
N ASN B 132 -19.44 12.39 -12.93
CA ASN B 132 -18.62 13.36 -12.30
C ASN B 132 -18.86 13.30 -10.77
N ILE B 133 -17.83 12.88 -10.03
CA ILE B 133 -17.96 12.76 -8.56
C ILE B 133 -17.12 13.78 -7.72
N SER B 134 -17.62 14.19 -6.55
CA SER B 134 -16.84 15.04 -5.61
C SER B 134 -17.10 14.70 -4.14
N ASP B 135 -16.40 15.40 -3.23
CA ASP B 135 -16.52 15.17 -1.78
C ASP B 135 -17.15 16.38 -1.09
N VAL B 136 -17.71 16.17 0.10
CA VAL B 136 -18.39 17.23 0.83
C VAL B 136 -17.53 17.76 1.97
N PRO B 137 -17.45 19.08 2.08
CA PRO B 137 -16.54 19.71 3.05
C PRO B 137 -17.15 19.76 4.44
N ARG B 138 -16.31 19.60 5.47
CA ARG B 138 -16.76 19.72 6.84
C ARG B 138 -17.04 21.17 7.21
N PRO B 139 -17.79 21.38 8.29
CA PRO B 139 -18.07 22.72 8.79
C PRO B 139 -17.34 23.01 10.09
N ASN B 140 -16.22 23.74 10.02
CA ASN B 140 -15.88 24.73 11.01
C ASN B 140 -14.46 25.26 10.85
N LEU B 141 -14.34 26.55 10.55
CA LEU B 141 -13.06 27.12 10.16
C LEU B 141 -12.36 27.77 11.35
N LYS B 142 -13.16 28.33 12.26
CA LYS B 142 -12.61 29.15 13.36
C LYS B 142 -11.41 28.53 14.10
N ASP B 143 -11.57 27.30 14.59
CA ASP B 143 -10.52 26.52 15.31
C ASP B 143 -9.16 26.60 14.59
N TYR B 144 -9.21 26.85 13.29
CA TYR B 144 -8.10 26.83 12.34
C TYR B 144 -7.24 28.08 12.30
N LEU B 145 -7.91 29.24 12.28
CA LEU B 145 -7.26 30.55 12.50
C LEU B 145 -6.69 30.72 13.95
N GLU B 146 -7.26 29.99 14.91
CA GLU B 146 -6.80 30.03 16.30
C GLU B 146 -5.37 29.57 16.33
N LYS B 147 -5.13 28.33 15.89
CA LYS B 147 -3.79 27.75 15.95
C LYS B 147 -2.78 28.40 14.98
N LEU B 148 -3.30 29.08 13.97
CA LEU B 148 -2.46 29.88 13.07
C LEU B 148 -1.69 30.95 13.89
N LYS B 149 -2.37 31.68 14.76
CA LYS B 149 -1.66 32.63 15.60
C LYS B 149 -1.08 31.92 16.84
N ASN B 150 -1.94 31.22 17.58
CA ASN B 150 -1.51 30.45 18.76
C ASN B 150 -0.21 29.76 18.42
N GLU B 151 0.78 29.87 19.32
CA GLU B 151 2.12 29.30 19.09
C GLU B 151 2.69 29.71 17.74
N GLY B 152 1.84 30.24 16.84
CA GLY B 152 2.21 30.44 15.45
C GLY B 152 2.67 29.12 14.90
N LEU B 153 1.73 28.16 14.76
CA LEU B 153 1.98 26.87 14.10
C LEU B 153 1.76 26.96 12.60
N LYS B 154 2.54 26.23 11.82
CA LYS B 154 2.36 26.18 10.35
C LYS B 154 1.26 25.18 9.99
N ILE B 155 0.48 25.53 8.97
CA ILE B 155 -0.51 24.61 8.52
C ILE B 155 -0.28 24.22 7.07
N ILE B 156 -0.38 22.93 6.77
CA ILE B 156 -0.18 22.41 5.40
C ILE B 156 -1.31 21.45 4.99
N ILE B 157 -1.75 21.55 3.73
CA ILE B 157 -2.74 20.60 3.19
C ILE B 157 -2.13 19.69 2.14
N LEU B 158 -2.25 18.38 2.30
CA LEU B 158 -1.78 17.42 1.30
C LEU B 158 -2.98 16.77 0.63
N SER B 159 -2.87 16.33 -0.63
CA SER B 159 -3.89 15.44 -1.22
C SER B 159 -3.51 14.71 -2.50
N GLY B 160 -4.08 13.53 -2.73
CA GLY B 160 -3.92 12.89 -4.04
C GLY B 160 -4.85 13.45 -5.13
N ASP B 161 -5.74 14.35 -4.75
CA ASP B 161 -6.68 14.96 -5.67
C ASP B 161 -6.06 15.99 -6.61
N LYS B 162 -6.83 16.37 -7.63
CA LYS B 162 -6.40 17.35 -8.62
C LYS B 162 -6.16 18.80 -8.11
N GLU B 163 -5.18 19.46 -8.74
CA GLU B 163 -4.76 20.85 -8.47
C GLU B 163 -5.89 21.84 -8.32
N ASP B 164 -6.94 21.69 -9.11
CA ASP B 164 -8.07 22.64 -9.05
C ASP B 164 -9.08 22.40 -7.92
N LYS B 165 -9.14 21.17 -7.42
CA LYS B 165 -10.00 20.83 -6.28
C LYS B 165 -9.35 21.20 -4.94
N VAL B 166 -8.05 20.92 -4.83
CA VAL B 166 -7.28 21.27 -3.64
C VAL B 166 -7.18 22.79 -3.50
N LYS B 167 -6.87 23.49 -4.60
CA LYS B 167 -6.84 24.96 -4.60
C LYS B 167 -8.14 25.61 -4.08
N GLU B 168 -9.28 25.15 -4.58
CA GLU B 168 -10.55 25.69 -4.16
C GLU B 168 -10.78 25.49 -2.66
N LEU B 169 -10.35 24.34 -2.11
CA LEU B 169 -10.56 24.08 -0.69
C LEU B 169 -9.66 24.96 0.16
N SER B 170 -8.44 25.17 -0.32
CA SER B 170 -7.43 25.99 0.34
C SER B 170 -7.82 27.46 0.51
N LYS B 171 -8.54 28.03 -0.46
CA LYS B 171 -8.99 29.42 -0.35
C LYS B 171 -10.08 29.49 0.68
N GLU B 172 -11.03 28.57 0.57
CA GLU B 172 -12.22 28.52 1.42
C GLU B 172 -11.86 28.41 2.90
N LEU B 173 -10.69 27.81 3.15
CA LEU B 173 -10.23 27.57 4.50
C LEU B 173 -9.12 28.54 4.77
N ASN B 174 -8.63 29.16 3.70
CA ASN B 174 -7.57 30.15 3.80
C ASN B 174 -6.20 29.63 4.26
N ILE B 175 -5.68 28.66 3.51
CA ILE B 175 -4.36 28.09 3.77
C ILE B 175 -3.48 28.33 2.56
N GLN B 176 -2.31 28.88 2.77
CA GLN B 176 -1.47 29.27 1.67
C GLN B 176 -0.69 28.11 1.08
N GLU B 177 -0.15 27.26 1.94
CA GLU B 177 0.73 26.17 1.48
C GLU B 177 0.01 24.78 1.33
N TYR B 178 0.02 24.25 0.09
CA TYR B 178 -0.66 23.04 -0.24
C TYR B 178 0.08 22.28 -1.38
N TYR B 179 -0.21 20.97 -1.51
CA TYR B 179 0.39 20.04 -2.50
C TYR B 179 -0.66 19.04 -3.04
N SER B 180 -0.75 18.95 -4.37
CA SER B 180 -1.79 18.16 -5.01
C SER B 180 -1.23 17.04 -5.86
N ASN B 181 -2.13 16.13 -6.26
CA ASN B 181 -1.81 15.01 -7.13
C ASN B 181 -0.68 14.09 -6.57
N LEU B 182 -0.73 13.74 -5.27
CA LEU B 182 0.34 12.99 -4.57
C LEU B 182 0.10 11.51 -4.46
N SER B 183 1.12 10.72 -4.78
CA SER B 183 1.05 9.28 -4.51
C SER B 183 1.28 9.02 -2.99
N PRO B 184 1.02 7.79 -2.51
CA PRO B 184 1.34 7.54 -1.10
C PRO B 184 2.83 7.79 -0.83
N GLU B 185 3.70 7.50 -1.79
CA GLU B 185 5.14 7.68 -1.54
C GLU B 185 5.51 9.15 -1.61
N ASP B 186 4.82 9.93 -2.44
CA ASP B 186 5.10 11.36 -2.49
C ASP B 186 4.94 11.95 -1.09
N LYS B 187 3.85 11.54 -0.44
CA LYS B 187 3.48 12.03 0.89
C LYS B 187 4.61 11.73 1.95
N VAL B 188 5.23 10.53 1.86
CA VAL B 188 6.30 10.13 2.76
C VAL B 188 7.45 11.08 2.54
N ARG B 189 7.67 11.35 1.28
CA ARG B 189 8.77 12.17 0.82
C ARG B 189 8.70 13.64 1.34
N ILE B 190 7.51 14.24 1.35
CA ILE B 190 7.32 15.55 1.92
C ILE B 190 7.54 15.61 3.43
N ILE B 191 7.06 14.60 4.16
CA ILE B 191 7.22 14.49 5.60
C ILE B 191 8.69 14.37 5.96
N GLU B 192 9.48 13.65 5.15
CA GLU B 192 10.94 13.47 5.40
C GLU B 192 11.64 14.81 5.27
N LYS B 193 11.39 15.44 4.14
CA LYS B 193 11.97 16.73 3.84
C LYS B 193 11.76 17.70 5.04
N LEU B 194 10.53 17.77 5.49
CA LEU B 194 10.20 18.59 6.61
C LEU B 194 10.93 18.20 7.91
N LYS B 195 11.15 16.92 8.16
CA LYS B 195 11.89 16.51 9.36
C LYS B 195 13.41 16.89 9.30
N GLN B 196 14.01 16.81 8.12
CA GLN B 196 15.43 17.04 7.96
C GLN B 196 15.74 18.53 8.17
N ASN B 197 14.83 19.35 7.66
CA ASN B 197 14.76 20.79 7.86
C ASN B 197 14.46 21.21 9.32
N GLY B 198 14.73 20.35 10.29
CA GLY B 198 14.48 20.69 11.71
C GLY B 198 13.04 20.76 12.25
N ASN B 199 12.02 20.44 11.44
CA ASN B 199 10.61 20.62 11.85
C ASN B 199 9.98 19.47 12.63
N LYS B 200 9.02 19.79 13.49
CA LYS B 200 8.43 18.80 14.38
C LYS B 200 6.98 18.69 14.00
N VAL B 201 6.64 17.61 13.31
CA VAL B 201 5.43 17.57 12.52
C VAL B 201 4.30 16.74 13.13
N LEU B 202 3.09 17.30 13.16
CA LEU B 202 1.87 16.55 13.54
C LEU B 202 0.97 16.40 12.28
N MET B 203 0.63 15.16 11.95
CA MET B 203 -0.19 14.86 10.76
C MET B 203 -1.53 14.15 11.11
N ILE B 204 -2.59 14.50 10.38
CA ILE B 204 -3.95 13.92 10.57
C ILE B 204 -4.39 13.33 9.27
N GLY B 205 -4.78 12.05 9.29
CA GLY B 205 -5.28 11.42 8.08
C GLY B 205 -6.27 10.29 8.36
N ASP B 206 -6.78 9.68 7.28
CA ASP B 206 -7.73 8.64 7.46
C ASP B 206 -7.20 7.18 7.32
N GLY B 207 -5.91 6.95 7.03
CA GLY B 207 -5.45 5.54 6.81
C GLY B 207 -5.46 4.92 5.40
N VAL B 208 -6.34 5.39 4.53
CA VAL B 208 -6.26 5.00 3.14
C VAL B 208 -5.13 5.78 2.48
N ASN B 209 -4.33 5.14 1.65
CA ASN B 209 -3.27 5.91 0.96
C ASN B 209 -2.29 6.74 1.78
N ASP B 210 -2.17 6.51 3.08
CA ASP B 210 -1.23 7.31 3.87
C ASP B 210 -0.66 6.69 5.15
N ALA B 211 -0.90 5.39 5.36
CA ALA B 211 -0.30 4.67 6.54
C ALA B 211 1.23 4.93 6.80
N ALA B 212 2.01 4.90 5.72
CA ALA B 212 3.44 5.14 5.77
C ALA B 212 3.77 6.60 6.20
N ALA B 213 3.06 7.61 5.68
CA ALA B 213 3.34 8.96 6.03
C ALA B 213 3.10 9.20 7.55
N LEU B 214 1.89 8.83 8.02
CA LEU B 214 1.51 8.84 9.45
C LEU B 214 2.58 8.16 10.34
N ALA B 215 3.11 7.03 9.84
CA ALA B 215 4.05 6.25 10.67
C ALA B 215 5.27 7.12 10.91
N LEU B 216 5.65 7.89 9.88
CA LEU B 216 6.83 8.78 9.88
C LEU B 216 6.75 10.03 10.78
N ALA B 217 5.57 10.67 10.84
CA ALA B 217 5.38 11.89 11.65
C ALA B 217 5.77 11.71 13.10
N ASP B 218 6.01 12.86 13.75
CA ASP B 218 6.36 12.90 15.17
C ASP B 218 5.12 12.58 16.03
N VAL B 219 3.93 12.96 15.53
CA VAL B 219 2.68 12.50 16.15
C VAL B 219 1.65 12.28 15.04
N SER B 220 1.04 11.09 15.06
CA SER B 220 0.08 10.70 14.08
C SER B 220 -1.34 10.67 14.68
N VAL B 221 -2.31 11.19 13.93
CA VAL B 221 -3.71 11.13 14.31
C VAL B 221 -4.57 10.43 13.23
N ALA B 222 -5.21 9.32 13.63
CA ALA B 222 -6.08 8.53 12.74
C ALA B 222 -7.56 8.78 12.99
N MET B 223 -8.34 8.87 11.91
CA MET B 223 -9.79 8.99 12.02
C MET B 223 -10.37 7.65 12.42
N GLY B 224 -11.35 7.70 13.32
CA GLY B 224 -12.08 6.48 13.75
C GLY B 224 -12.93 5.85 12.66
N ASN B 225 -13.73 6.67 11.98
CA ASN B 225 -14.75 6.17 11.07
C ASN B 225 -14.15 5.61 9.79
N GLY B 226 -12.96 6.06 9.44
CA GLY B 226 -12.04 5.27 8.64
C GLY B 226 -11.93 3.84 9.13
N VAL B 227 -12.14 2.89 8.22
CA VAL B 227 -11.86 1.49 8.49
C VAL B 227 -10.44 1.31 9.04
N ASP B 228 -10.23 1.79 10.26
CA ASP B 228 -8.88 2.11 10.73
C ASP B 228 -8.16 0.88 11.25
N ILE B 229 -8.03 -0.13 10.39
CA ILE B 229 -8.12 -1.52 10.82
C ILE B 229 -6.76 -2.06 11.24
N SER B 230 -6.23 -2.99 10.47
CA SER B 230 -5.16 -2.70 9.53
C SER B 230 -4.43 -1.42 9.91
N LYS B 231 -5.19 -0.42 10.36
CA LYS B 231 -4.64 0.90 10.63
C LYS B 231 -4.74 1.25 12.10
N ASN B 232 -4.56 0.26 12.96
CA ASN B 232 -4.57 0.47 14.41
C ASN B 232 -3.34 1.22 14.89
N VAL B 233 -2.45 1.56 13.96
CA VAL B 233 -1.16 2.16 14.30
C VAL B 233 -1.20 3.68 14.12
N ALA B 234 -1.35 4.40 15.22
CA ALA B 234 -1.19 5.85 15.23
C ALA B 234 -1.37 6.41 16.63
N ASP B 235 -0.54 7.39 16.97
CA ASP B 235 -0.42 7.85 18.36
C ASP B 235 -1.81 8.14 19.04
N ILE B 236 -2.78 8.59 18.25
CA ILE B 236 -4.06 9.03 18.73
C ILE B 236 -5.16 8.70 17.73
N ILE B 237 -6.23 8.09 18.22
CA ILE B 237 -7.39 7.78 17.41
C ILE B 237 -8.53 8.65 17.85
N LEU B 238 -8.88 9.64 17.03
CA LEU B 238 -10.11 10.43 17.17
C LEU B 238 -11.38 9.62 16.89
N VAL B 239 -11.68 8.65 17.77
CA VAL B 239 -12.92 7.79 17.76
C VAL B 239 -14.24 8.54 17.56
N SER B 240 -14.31 9.75 18.10
CA SER B 240 -15.47 10.56 17.95
C SER B 240 -15.52 11.00 16.51
N ASN B 241 -14.36 11.22 15.93
CA ASN B 241 -14.30 11.87 14.62
C ASN B 241 -14.68 13.35 14.72
N ASP B 242 -14.46 13.92 15.90
CA ASP B 242 -14.60 15.34 16.08
C ASP B 242 -13.25 16.05 16.10
N ILE B 243 -12.85 16.60 14.94
CA ILE B 243 -11.54 17.32 14.78
C ILE B 243 -11.41 18.58 15.65
N GLY B 244 -12.56 19.14 16.04
CA GLY B 244 -12.59 20.33 16.85
C GLY B 244 -11.84 20.11 18.15
N THR B 245 -12.05 18.94 18.72
CA THR B 245 -11.55 18.66 20.06
C THR B 245 -10.03 18.56 20.06
N LEU B 246 -9.51 17.88 19.05
CA LEU B 246 -8.05 17.78 18.82
C LEU B 246 -7.44 19.14 18.66
N LEU B 247 -8.00 19.89 17.71
CA LEU B 247 -7.73 21.31 17.52
C LEU B 247 -7.65 22.03 18.88
N GLY B 248 -8.71 21.88 19.70
CA GLY B 248 -8.69 22.27 21.09
C GLY B 248 -7.47 21.78 21.91
N LEU B 249 -7.05 20.51 21.75
CA LEU B 249 -5.96 19.95 22.58
C LEU B 249 -4.63 20.61 22.28
N ILE B 250 -4.40 20.86 20.99
CA ILE B 250 -3.20 21.52 20.48
C ILE B 250 -3.14 22.96 20.99
N LYS B 251 -4.33 23.48 21.35
CA LYS B 251 -4.49 24.83 21.89
C LYS B 251 -4.32 24.90 23.41
N ASN B 252 -3.89 23.80 23.99
CA ASN B 252 -3.43 23.78 25.40
C ASN B 252 -1.93 23.60 25.37
N ARG B 253 -1.26 24.65 24.87
CA ARG B 253 0.17 24.62 24.52
C ARG B 253 0.73 26.03 24.21
S SO4 C . 7.41 -9.41 2.16
O1 SO4 C . 7.37 -10.65 2.90
O2 SO4 C . 6.68 -8.46 2.96
O3 SO4 C . 6.93 -9.56 0.81
O4 SO4 C . 8.79 -8.99 2.08
S SO4 D . -6.14 10.56 -1.29
O1 SO4 D . -7.25 9.78 -0.83
O2 SO4 D . -5.17 9.69 -1.90
O3 SO4 D . -5.57 11.32 -0.19
O4 SO4 D . -6.51 11.53 -2.34
#